data_3U3F
#
_entry.id   3U3F
#
_cell.length_a   83.599
_cell.length_b   83.747
_cell.length_c   170.545
_cell.angle_alpha   90.00
_cell.angle_beta   90.00
_cell.angle_gamma   90.00
#
_symmetry.space_group_name_H-M   'P 21 21 21'
#
loop_
_entity.id
_entity.type
_entity.pdbx_description
1 polymer 'Protein-tyrosine kinase 2-beta'
2 polymer 'Paxillin LD2 peptide'
3 water water
#
loop_
_entity_poly.entity_id
_entity_poly.type
_entity_poly.pdbx_seq_one_letter_code
_entity_poly.pdbx_strand_id
1 'polypeptide(L)'
;GSHMANLDRTDDLVYLNVMELVRAVLELKNELSQLPPEGYVVVVKNVGLTLRKLIGSVDDLLPSLPSSSRTEIEGTQKLL
NKDLAELINKMRLAQQNAVTSLSEECKRQMLTASHTLAVDAKNLLDAVDQAKVLANLAH
;
A,B,C,D
2 'polypeptide(L)' SATRELDELMASLSDFK E,F,G,H,I,J
#
# COMPACT_ATOMS: atom_id res chain seq x y z
N THR A 10 -18.90 3.55 38.57
CA THR A 10 -18.11 3.00 39.68
C THR A 10 -17.22 1.85 39.21
N ASP A 11 -17.70 0.63 39.43
CA ASP A 11 -17.02 -0.57 38.94
C ASP A 11 -17.56 -0.97 37.57
N ASP A 12 -18.41 -0.10 37.01
CA ASP A 12 -19.06 -0.35 35.73
C ASP A 12 -18.20 0.15 34.58
N LEU A 13 -17.64 -0.79 33.82
CA LEU A 13 -16.81 -0.46 32.67
C LEU A 13 -17.65 0.16 31.55
N VAL A 14 -18.77 -0.47 31.24
CA VAL A 14 -19.64 0.04 30.20
C VAL A 14 -19.93 1.51 30.42
N TYR A 15 -20.25 1.87 31.65
CA TYR A 15 -20.47 3.26 32.02
C TYR A 15 -19.27 4.13 31.66
N LEU A 16 -18.09 3.64 32.00
CA LEU A 16 -16.87 4.41 31.80
C LEU A 16 -16.58 4.66 30.33
N ASN A 17 -16.66 3.61 29.51
CA ASN A 17 -16.33 3.77 28.11
C ASN A 17 -17.35 4.67 27.46
N VAL A 18 -18.58 4.60 27.93
CA VAL A 18 -19.61 5.50 27.47
C VAL A 18 -19.28 6.96 27.79
N MET A 19 -18.56 7.16 28.90
CA MET A 19 -18.13 8.50 29.28
C MET A 19 -16.87 8.90 28.54
N GLU A 20 -15.98 7.94 28.30
CA GLU A 20 -14.74 8.23 27.59
C GLU A 20 -15.14 8.70 26.21
N LEU A 21 -16.12 8.00 25.63
CA LEU A 21 -16.60 8.26 24.29
C LEU A 21 -17.33 9.58 24.15
N VAL A 22 -18.07 9.99 25.16
CA VAL A 22 -18.70 11.30 25.10
C VAL A 22 -17.65 12.39 25.24
N ARG A 23 -16.57 12.08 25.97
CA ARG A 23 -15.47 13.01 26.12
C ARG A 23 -14.85 13.21 24.75
N ALA A 24 -14.56 12.09 24.09
CA ALA A 24 -13.96 12.10 22.76
C ALA A 24 -14.80 12.88 21.74
N VAL A 25 -16.12 12.90 21.95
CA VAL A 25 -17.02 13.63 21.07
C VAL A 25 -16.93 15.12 21.34
N LEU A 26 -16.69 15.50 22.59
CA LEU A 26 -16.67 16.91 22.94
C LEU A 26 -15.35 17.54 22.53
N GLU A 27 -14.28 16.76 22.64
CA GLU A 27 -12.98 17.22 22.17
C GLU A 27 -13.09 17.57 20.69
N LEU A 28 -13.47 16.56 19.90
CA LEU A 28 -13.73 16.75 18.49
C LEU A 28 -14.48 18.07 18.23
N LYS A 29 -15.47 18.36 19.05
CA LYS A 29 -16.30 19.54 18.83
C LYS A 29 -15.50 20.84 18.76
N ASN A 30 -14.64 21.07 19.76
CA ASN A 30 -13.91 22.33 19.82
C ASN A 30 -12.49 22.23 19.26
N GLU A 31 -12.23 21.22 18.45
CA GLU A 31 -10.90 21.03 17.91
C GLU A 31 -10.87 20.81 16.39
N LEU A 32 -12.01 20.96 15.73
CA LEU A 32 -12.00 21.17 14.29
C LEU A 32 -11.58 22.62 14.08
N SER A 33 -11.94 23.44 15.06
CA SER A 33 -11.64 24.86 15.07
C SER A 33 -10.13 25.06 15.03
N GLN A 34 -9.42 24.17 15.72
CA GLN A 34 -7.98 24.28 15.82
C GLN A 34 -7.22 23.34 14.89
N LEU A 35 -7.94 22.60 14.04
CA LEU A 35 -7.27 21.62 13.18
C LEU A 35 -7.42 21.89 11.68
N PRO A 36 -6.42 21.45 10.91
CA PRO A 36 -6.48 21.46 9.46
C PRO A 36 -7.14 20.19 8.97
N PRO A 37 -7.86 20.29 7.84
CA PRO A 37 -8.52 19.19 7.13
C PRO A 37 -7.82 17.83 7.21
N GLU A 38 -6.50 17.77 7.11
CA GLU A 38 -5.79 16.49 7.14
C GLU A 38 -5.93 15.81 8.50
N GLY A 39 -5.97 16.62 9.55
CA GLY A 39 -6.04 16.13 10.92
C GLY A 39 -7.37 15.53 11.33
N TYR A 40 -8.45 15.86 10.62
CA TYR A 40 -9.78 15.36 10.99
C TYR A 40 -9.79 13.83 10.98
N VAL A 41 -8.88 13.22 10.26
CA VAL A 41 -8.80 11.77 10.26
C VAL A 41 -8.40 11.20 11.62
N VAL A 42 -7.44 11.84 12.28
CA VAL A 42 -6.94 11.37 13.57
C VAL A 42 -8.04 11.46 14.63
N VAL A 43 -8.71 12.62 14.70
CA VAL A 43 -9.73 12.77 15.74
C VAL A 43 -10.82 11.72 15.64
N VAL A 44 -11.35 11.51 14.44
CA VAL A 44 -12.37 10.49 14.24
C VAL A 44 -11.80 9.11 14.53
N LYS A 45 -10.56 8.89 14.12
CA LYS A 45 -9.88 7.66 14.50
C LYS A 45 -9.99 7.43 16.02
N ASN A 46 -9.83 8.50 16.80
CA ASN A 46 -9.99 8.44 18.25
C ASN A 46 -11.38 8.03 18.69
N VAL A 47 -12.36 8.78 18.20
CA VAL A 47 -13.76 8.52 18.50
C VAL A 47 -14.07 7.08 18.12
N GLY A 48 -13.51 6.64 17.01
CA GLY A 48 -13.70 5.27 16.60
C GLY A 48 -13.14 4.31 17.62
N LEU A 49 -11.95 4.62 18.13
CA LEU A 49 -11.23 3.67 18.97
C LEU A 49 -11.81 3.56 20.36
N THR A 50 -12.22 4.68 20.93
CA THR A 50 -12.85 4.64 22.24
C THR A 50 -14.19 3.94 22.10
N LEU A 51 -14.79 4.06 20.91
CA LEU A 51 -16.03 3.37 20.63
C LEU A 51 -15.83 1.86 20.58
N ARG A 52 -14.70 1.43 20.05
CA ARG A 52 -14.47 0.00 19.92
C ARG A 52 -14.36 -0.60 21.31
N LYS A 53 -13.77 0.18 22.21
CA LYS A 53 -13.60 -0.20 23.61
C LYS A 53 -14.95 -0.35 24.30
N LEU A 54 -15.85 0.60 24.03
CA LEU A 54 -17.22 0.52 24.53
C LEU A 54 -17.94 -0.70 24.00
N ILE A 55 -18.07 -0.76 22.69
CA ILE A 55 -18.73 -1.88 22.03
C ILE A 55 -18.12 -3.22 22.43
N GLY A 56 -16.87 -3.20 22.87
CA GLY A 56 -16.19 -4.43 23.24
C GLY A 56 -16.57 -4.90 24.63
N SER A 57 -16.59 -3.96 25.56
CA SER A 57 -16.92 -4.25 26.95
C SER A 57 -18.41 -4.52 27.10
N VAL A 58 -19.21 -4.04 26.17
CA VAL A 58 -20.60 -4.45 26.13
C VAL A 58 -20.67 -5.89 25.63
N ASP A 59 -20.09 -6.14 24.46
CA ASP A 59 -20.04 -7.50 23.90
C ASP A 59 -19.68 -8.56 24.95
N ASP A 60 -19.02 -8.12 26.03
CA ASP A 60 -18.59 -9.05 27.08
C ASP A 60 -19.73 -9.41 28.03
N LEU A 61 -20.64 -8.46 28.26
CA LEU A 61 -21.79 -8.66 29.14
C LEU A 61 -22.84 -9.56 28.54
N LEU A 62 -23.10 -9.38 27.25
CA LEU A 62 -24.20 -10.03 26.56
C LEU A 62 -24.56 -11.45 27.06
N PRO A 63 -23.54 -12.35 27.16
CA PRO A 63 -23.83 -13.74 27.54
C PRO A 63 -24.73 -13.84 28.77
N SER A 64 -24.39 -13.11 29.82
CA SER A 64 -25.15 -13.15 31.05
C SER A 64 -26.30 -12.14 31.05
N LEU A 65 -27.36 -12.44 30.29
CA LEU A 65 -28.64 -11.73 30.41
C LEU A 65 -29.70 -12.12 29.36
N PRO A 66 -30.98 -11.78 29.62
CA PRO A 66 -32.12 -12.24 28.81
C PRO A 66 -31.93 -11.92 27.34
N SER A 67 -32.23 -12.90 26.49
CA SER A 67 -32.12 -12.68 25.05
C SER A 67 -33.02 -11.51 24.66
N SER A 68 -34.16 -11.39 25.32
CA SER A 68 -35.11 -10.30 25.07
C SER A 68 -34.44 -8.91 25.12
N SER A 69 -33.37 -8.81 25.89
CA SER A 69 -32.56 -7.59 25.92
C SER A 69 -31.60 -7.58 24.74
N ARG A 70 -30.84 -8.67 24.64
CA ARG A 70 -29.75 -8.80 23.69
C ARG A 70 -30.13 -8.45 22.26
N THR A 71 -31.40 -8.68 21.90
CA THR A 71 -31.91 -8.19 20.64
C THR A 71 -31.75 -6.68 20.57
N GLU A 72 -32.50 -5.96 21.40
CA GLU A 72 -32.53 -4.49 21.37
C GLU A 72 -31.16 -3.87 21.67
N ILE A 73 -30.34 -4.57 22.46
CA ILE A 73 -29.01 -4.08 22.76
C ILE A 73 -28.11 -4.12 21.52
N GLU A 74 -28.06 -5.26 20.86
CA GLU A 74 -27.31 -5.35 19.61
C GLU A 74 -27.91 -4.39 18.61
N GLY A 75 -29.14 -3.96 18.88
CA GLY A 75 -29.80 -2.99 18.04
C GLY A 75 -29.10 -1.66 18.11
N THR A 76 -28.86 -1.19 19.33
CA THR A 76 -28.22 0.11 19.50
C THR A 76 -26.73 0.03 19.18
N GLN A 77 -26.14 -1.17 19.33
CA GLN A 77 -24.75 -1.38 18.91
C GLN A 77 -24.60 -1.20 17.40
N LYS A 78 -25.38 -1.98 16.64
CA LYS A 78 -25.40 -1.81 15.20
C LYS A 78 -25.66 -0.33 14.93
N LEU A 79 -26.56 0.26 15.70
CA LEU A 79 -26.90 1.65 15.51
C LEU A 79 -25.67 2.57 15.63
N LEU A 80 -24.78 2.25 16.57
CA LEU A 80 -23.58 3.04 16.76
C LEU A 80 -22.63 2.89 15.59
N ASN A 81 -22.36 1.65 15.20
CA ASN A 81 -21.51 1.42 14.05
C ASN A 81 -22.00 2.29 12.92
N LYS A 82 -23.31 2.24 12.67
CA LYS A 82 -23.91 3.08 11.63
C LYS A 82 -23.61 4.55 11.90
N ASP A 83 -23.76 4.97 13.15
CA ASP A 83 -23.51 6.35 13.55
C ASP A 83 -22.08 6.77 13.24
N LEU A 84 -21.14 5.87 13.50
CA LEU A 84 -19.74 6.14 13.19
C LEU A 84 -19.55 6.35 11.70
N ALA A 85 -20.04 5.38 10.93
CA ALA A 85 -19.98 5.43 9.47
C ALA A 85 -20.45 6.78 8.94
N GLU A 86 -21.60 7.23 9.42
CA GLU A 86 -22.11 8.52 9.01
C GLU A 86 -21.14 9.66 9.41
N LEU A 87 -20.51 9.54 10.57
CA LEU A 87 -19.52 10.52 11.00
C LEU A 87 -18.30 10.53 10.08
N ILE A 88 -17.82 9.33 9.78
CA ILE A 88 -16.69 9.16 8.88
C ILE A 88 -16.98 9.80 7.51
N ASN A 89 -18.13 9.48 6.94
CA ASN A 89 -18.54 10.06 5.68
C ASN A 89 -18.57 11.59 5.74
N LYS A 90 -19.18 12.15 6.77
CA LYS A 90 -19.20 13.61 6.92
C LYS A 90 -17.80 14.19 7.04
N MET A 91 -16.87 13.38 7.52
CA MET A 91 -15.51 13.86 7.70
C MET A 91 -14.81 13.89 6.35
N ARG A 92 -15.01 12.82 5.57
CA ARG A 92 -14.49 12.74 4.22
C ARG A 92 -14.97 13.95 3.41
N LEU A 93 -16.26 14.28 3.54
CA LEU A 93 -16.86 15.41 2.86
C LEU A 93 -16.31 16.76 3.31
N ALA A 94 -15.85 16.82 4.55
CA ALA A 94 -15.35 18.09 5.10
C ALA A 94 -13.92 18.31 4.63
N GLN A 95 -13.21 17.21 4.41
CA GLN A 95 -11.88 17.28 3.82
C GLN A 95 -11.95 17.78 2.39
N GLN A 96 -12.65 17.03 1.53
CA GLN A 96 -12.81 17.38 0.13
C GLN A 96 -13.35 18.79 -0.04
N ASN A 97 -14.25 19.16 0.84
CA ASN A 97 -14.88 20.47 0.72
C ASN A 97 -14.25 21.61 1.52
N ALA A 98 -13.04 21.39 2.04
CA ALA A 98 -12.31 22.51 2.60
C ALA A 98 -11.90 23.35 1.42
N VAL A 99 -11.84 24.66 1.60
CA VAL A 99 -11.52 25.55 0.48
C VAL A 99 -12.65 25.67 -0.55
N THR A 100 -13.87 25.29 -0.19
CA THR A 100 -15.04 25.57 -1.03
C THR A 100 -16.14 26.15 -0.14
N SER A 101 -17.17 26.72 -0.76
CA SER A 101 -18.22 27.37 0.03
C SER A 101 -18.99 26.37 0.91
N LEU A 102 -18.88 25.08 0.60
CA LEU A 102 -19.54 24.05 1.39
C LEU A 102 -18.67 23.57 2.55
N SER A 103 -17.54 24.25 2.76
CA SER A 103 -16.65 23.95 3.86
C SER A 103 -17.40 23.90 5.18
N GLU A 104 -17.99 25.03 5.58
CA GLU A 104 -18.63 25.15 6.90
C GLU A 104 -19.80 24.20 7.11
N GLU A 105 -20.68 24.12 6.14
CA GLU A 105 -21.82 23.22 6.24
C GLU A 105 -21.34 21.78 6.43
N CYS A 106 -20.35 21.37 5.64
CA CYS A 106 -19.82 20.01 5.77
C CYS A 106 -19.30 19.75 7.18
N LYS A 107 -18.68 20.76 7.79
CA LYS A 107 -18.15 20.62 9.16
C LYS A 107 -19.30 20.58 10.14
N ARG A 108 -20.25 21.49 9.96
CA ARG A 108 -21.49 21.48 10.75
C ARG A 108 -22.10 20.07 10.75
N GLN A 109 -22.19 19.45 9.58
CA GLN A 109 -22.72 18.10 9.50
C GLN A 109 -21.88 17.11 10.29
N MET A 110 -20.57 17.28 10.25
CA MET A 110 -19.67 16.38 10.93
C MET A 110 -19.95 16.39 12.43
N LEU A 111 -20.20 17.58 12.97
CA LEU A 111 -20.48 17.74 14.39
C LEU A 111 -21.77 17.05 14.78
N THR A 112 -22.79 17.24 13.97
CA THR A 112 -24.08 16.63 14.22
C THR A 112 -23.98 15.11 14.18
N ALA A 113 -23.14 14.62 13.27
CA ALA A 113 -22.97 13.18 13.11
C ALA A 113 -22.39 12.61 14.37
N SER A 114 -21.44 13.34 14.93
CA SER A 114 -20.76 12.91 16.15
C SER A 114 -21.66 13.13 17.36
N HIS A 115 -22.42 14.22 17.32
CA HIS A 115 -23.35 14.50 18.40
C HIS A 115 -24.32 13.32 18.59
N THR A 116 -25.06 12.95 17.55
CA THR A 116 -26.00 11.86 17.69
C THR A 116 -25.26 10.56 17.93
N LEU A 117 -23.98 10.53 17.62
CA LEU A 117 -23.19 9.34 17.92
C LEU A 117 -23.14 9.21 19.44
N ALA A 118 -22.89 10.32 20.11
CA ALA A 118 -22.80 10.33 21.56
C ALA A 118 -24.15 10.01 22.16
N VAL A 119 -25.17 10.69 21.67
CA VAL A 119 -26.52 10.44 22.16
C VAL A 119 -26.83 8.95 22.16
N ASP A 120 -26.57 8.29 21.03
CA ASP A 120 -26.87 6.86 20.92
C ASP A 120 -25.98 6.02 21.81
N ALA A 121 -24.81 6.54 22.13
CA ALA A 121 -23.95 5.87 23.11
C ALA A 121 -24.66 5.87 24.45
N LYS A 122 -25.25 7.02 24.80
CA LYS A 122 -26.05 7.16 26.02
C LYS A 122 -27.17 6.13 26.03
N ASN A 123 -27.97 6.11 24.96
CA ASN A 123 -29.08 5.18 24.87
C ASN A 123 -28.60 3.74 24.96
N LEU A 124 -27.38 3.48 24.49
CA LEU A 124 -26.83 2.14 24.67
C LEU A 124 -26.75 1.84 26.16
N LEU A 125 -26.25 2.81 26.92
CA LEU A 125 -26.08 2.64 28.35
C LEU A 125 -27.41 2.33 29.05
N ASP A 126 -28.43 3.15 28.79
CA ASP A 126 -29.74 2.93 29.39
C ASP A 126 -30.25 1.53 29.08
N ALA A 127 -30.12 1.13 27.81
CA ALA A 127 -30.57 -0.20 27.41
C ALA A 127 -29.84 -1.26 28.22
N VAL A 128 -28.59 -0.98 28.59
CA VAL A 128 -27.80 -1.93 29.35
C VAL A 128 -28.17 -1.92 30.81
N ASP A 129 -28.26 -0.73 31.38
CA ASP A 129 -28.65 -0.59 32.77
C ASP A 129 -30.01 -1.24 32.97
N GLN A 130 -30.95 -0.93 32.08
CA GLN A 130 -32.30 -1.43 32.21
C GLN A 130 -32.36 -2.94 32.02
N ALA A 131 -31.57 -3.47 31.11
CA ALA A 131 -31.55 -4.91 30.91
C ALA A 131 -30.83 -5.62 32.07
N LYS A 132 -29.85 -4.95 32.67
CA LYS A 132 -29.12 -5.50 33.83
C LYS A 132 -30.09 -5.76 34.98
N VAL A 133 -31.09 -4.89 35.08
CA VAL A 133 -32.07 -4.96 36.14
C VAL A 133 -33.05 -6.11 35.94
N LEU A 134 -33.76 -6.09 34.81
CA LEU A 134 -34.75 -7.11 34.49
C LEU A 134 -34.13 -8.49 34.58
N ALA A 135 -32.80 -8.53 34.46
CA ALA A 135 -32.05 -9.75 34.66
C ALA A 135 -32.06 -10.08 36.14
N ASN A 136 -31.57 -9.15 36.96
CA ASN A 136 -31.38 -9.40 38.39
C ASN A 136 -32.65 -9.86 39.12
N LEU A 137 -33.81 -9.35 38.69
CA LEU A 137 -35.07 -9.68 39.36
C LEU A 137 -35.70 -11.00 38.90
N ALA A 138 -35.45 -11.40 37.66
CA ALA A 138 -35.83 -12.74 37.23
C ALA A 138 -35.11 -13.74 38.12
N HIS A 139 -33.82 -13.51 38.32
CA HIS A 139 -33.01 -14.25 39.28
C HIS A 139 -33.32 -13.76 40.68
N ASP B 11 9.76 7.74 -5.06
CA ASP B 11 11.13 7.20 -5.06
C ASP B 11 11.15 5.73 -4.68
N ASP B 12 9.98 5.15 -4.46
CA ASP B 12 9.87 3.72 -4.29
C ASP B 12 9.69 3.09 -5.66
N LEU B 13 10.75 2.49 -6.17
CA LEU B 13 10.71 1.85 -7.48
C LEU B 13 9.76 0.66 -7.47
N VAL B 14 9.93 -0.21 -6.48
CA VAL B 14 9.11 -1.40 -6.40
C VAL B 14 7.64 -1.04 -6.55
N TYR B 15 7.25 0.07 -5.96
CA TYR B 15 5.89 0.56 -6.05
C TYR B 15 5.50 0.91 -7.49
N LEU B 16 6.44 1.50 -8.22
CA LEU B 16 6.14 1.96 -9.58
C LEU B 16 6.00 0.79 -10.53
N ASN B 17 6.98 -0.10 -10.51
CA ASN B 17 6.96 -1.26 -11.39
C ASN B 17 5.70 -2.05 -11.12
N VAL B 18 5.33 -2.13 -9.85
CA VAL B 18 4.08 -2.73 -9.47
C VAL B 18 2.87 -2.05 -10.13
N MET B 19 2.97 -0.73 -10.32
CA MET B 19 1.89 0.01 -10.96
C MET B 19 1.93 -0.14 -12.48
N GLU B 20 3.13 -0.06 -13.05
CA GLU B 20 3.29 -0.25 -14.48
C GLU B 20 2.64 -1.58 -14.83
N LEU B 21 3.08 -2.61 -14.11
CA LEU B 21 2.58 -3.97 -14.30
C LEU B 21 1.06 -4.06 -14.23
N VAL B 22 0.47 -3.49 -13.19
CA VAL B 22 -0.98 -3.53 -13.09
C VAL B 22 -1.62 -2.78 -14.25
N ARG B 23 -0.89 -1.79 -14.78
CA ARG B 23 -1.38 -1.06 -15.91
C ARG B 23 -1.30 -1.95 -17.15
N ALA B 24 -0.16 -2.57 -17.35
CA ALA B 24 0.05 -3.47 -18.49
C ALA B 24 -1.00 -4.57 -18.53
N VAL B 25 -1.47 -5.00 -17.35
CA VAL B 25 -2.51 -6.01 -17.25
C VAL B 25 -3.83 -5.42 -17.71
N LEU B 26 -4.09 -4.16 -17.39
CA LEU B 26 -5.36 -3.56 -17.76
C LEU B 26 -5.45 -3.26 -19.25
N GLU B 27 -4.31 -2.97 -19.86
CA GLU B 27 -4.27 -2.73 -21.29
C GLU B 27 -4.73 -4.02 -21.95
N LEU B 28 -4.06 -5.11 -21.59
CA LEU B 28 -4.41 -6.43 -22.08
C LEU B 28 -5.91 -6.68 -21.97
N LYS B 29 -6.50 -6.28 -20.85
CA LYS B 29 -7.93 -6.51 -20.65
C LYS B 29 -8.76 -5.91 -21.79
N ASN B 30 -8.40 -4.71 -22.22
CA ASN B 30 -9.23 -4.00 -23.19
C ASN B 30 -8.86 -4.32 -24.61
N GLU B 31 -7.63 -4.80 -24.80
CA GLU B 31 -7.07 -4.89 -26.13
C GLU B 31 -6.99 -6.30 -26.72
N LEU B 32 -7.60 -7.27 -26.08
CA LEU B 32 -7.79 -8.55 -26.74
C LEU B 32 -9.03 -8.42 -27.61
N SER B 33 -9.94 -7.57 -27.15
CA SER B 33 -11.20 -7.30 -27.83
C SER B 33 -10.91 -6.71 -29.20
N GLN B 34 -9.78 -6.01 -29.30
CA GLN B 34 -9.42 -5.34 -30.54
C GLN B 34 -8.33 -6.04 -31.34
N LEU B 35 -7.57 -6.92 -30.69
CA LEU B 35 -6.47 -7.63 -31.36
C LEU B 35 -6.84 -8.99 -31.93
N PRO B 36 -6.08 -9.45 -32.93
CA PRO B 36 -6.16 -10.79 -33.50
C PRO B 36 -5.11 -11.69 -32.84
N PRO B 37 -5.41 -12.99 -32.73
CA PRO B 37 -4.63 -14.04 -32.10
C PRO B 37 -3.11 -13.88 -32.19
N GLU B 38 -2.58 -13.51 -33.36
CA GLU B 38 -1.12 -13.43 -33.51
C GLU B 38 -0.53 -12.33 -32.63
N GLY B 39 -1.34 -11.31 -32.35
CA GLY B 39 -0.92 -10.18 -31.55
C GLY B 39 -0.91 -10.44 -30.04
N TYR B 40 -1.59 -11.50 -29.61
CA TYR B 40 -1.62 -11.87 -28.19
C TYR B 40 -0.22 -12.15 -27.65
N VAL B 41 0.69 -12.59 -28.52
CA VAL B 41 2.06 -12.83 -28.11
C VAL B 41 2.73 -11.55 -27.65
N VAL B 42 2.45 -10.46 -28.38
CA VAL B 42 3.07 -9.19 -28.05
C VAL B 42 2.58 -8.68 -26.71
N VAL B 43 1.27 -8.61 -26.53
CA VAL B 43 0.77 -8.04 -25.28
C VAL B 43 1.39 -8.74 -24.09
N VAL B 44 1.51 -10.06 -24.16
CA VAL B 44 2.10 -10.83 -23.08
C VAL B 44 3.61 -10.59 -22.94
N LYS B 45 4.30 -10.44 -24.06
CA LYS B 45 5.72 -10.12 -23.98
C LYS B 45 5.87 -8.86 -23.11
N ASN B 46 4.92 -7.94 -23.24
CA ASN B 46 4.93 -6.72 -22.45
C ASN B 46 4.77 -6.94 -20.97
N VAL B 47 3.66 -7.58 -20.63
CA VAL B 47 3.39 -7.96 -19.26
C VAL B 47 4.62 -8.67 -18.73
N GLY B 48 5.19 -9.58 -19.53
CA GLY B 48 6.43 -10.22 -19.16
C GLY B 48 7.58 -9.25 -18.91
N LEU B 49 7.72 -8.25 -19.77
CA LEU B 49 8.87 -7.34 -19.67
C LEU B 49 8.77 -6.35 -18.49
N THR B 50 7.57 -5.84 -18.26
CA THR B 50 7.37 -4.93 -17.15
C THR B 50 7.49 -5.68 -15.84
N LEU B 51 7.14 -6.95 -15.87
CA LEU B 51 7.28 -7.81 -14.70
C LEU B 51 8.75 -8.04 -14.41
N ARG B 52 9.57 -8.10 -15.45
CA ARG B 52 10.98 -8.35 -15.25
C ARG B 52 11.60 -7.16 -14.52
N LYS B 53 11.13 -5.95 -14.85
CA LYS B 53 11.59 -4.74 -14.18
C LYS B 53 11.32 -4.86 -12.69
N LEU B 54 10.06 -5.13 -12.38
CA LEU B 54 9.61 -5.32 -11.00
C LEU B 54 10.48 -6.32 -10.27
N ILE B 55 10.43 -7.57 -10.70
CA ILE B 55 11.24 -8.62 -10.11
C ILE B 55 12.72 -8.22 -10.04
N GLY B 56 13.13 -7.35 -10.94
CA GLY B 56 14.52 -6.93 -10.96
C GLY B 56 14.85 -5.97 -9.84
N SER B 57 13.97 -4.99 -9.64
CA SER B 57 14.17 -3.98 -8.63
C SER B 57 13.95 -4.55 -7.24
N VAL B 58 12.98 -5.46 -7.11
CA VAL B 58 12.80 -6.18 -5.85
C VAL B 58 14.08 -6.97 -5.53
N ASP B 59 14.62 -7.65 -6.54
CA ASP B 59 15.87 -8.40 -6.40
C ASP B 59 16.99 -7.51 -5.86
N ASP B 60 17.01 -6.25 -6.26
CA ASP B 60 18.03 -5.31 -5.83
C ASP B 60 17.88 -4.97 -4.34
N LEU B 61 16.79 -5.43 -3.74
CA LEU B 61 16.43 -5.02 -2.39
C LEU B 61 16.68 -6.10 -1.34
N LEU B 62 16.60 -7.36 -1.78
CA LEU B 62 16.73 -8.48 -0.87
C LEU B 62 17.92 -8.44 0.10
N PRO B 63 19.09 -7.91 -0.36
CA PRO B 63 20.27 -7.96 0.52
C PRO B 63 20.05 -7.19 1.81
N SER B 64 19.42 -6.03 1.72
CA SER B 64 19.19 -5.19 2.88
C SER B 64 17.88 -5.48 3.62
N LEU B 65 17.70 -6.70 4.10
CA LEU B 65 16.58 -6.97 4.99
C LEU B 65 16.55 -8.39 5.56
N PRO B 66 15.77 -8.59 6.64
CA PRO B 66 15.81 -9.84 7.39
C PRO B 66 15.55 -11.06 6.51
N SER B 67 16.34 -12.10 6.76
CA SER B 67 16.16 -13.35 6.06
C SER B 67 14.73 -13.85 6.24
N SER B 68 14.20 -13.68 7.45
CA SER B 68 12.85 -14.15 7.78
C SER B 68 11.80 -13.61 6.80
N SER B 69 12.11 -12.45 6.21
CA SER B 69 11.27 -11.84 5.19
C SER B 69 11.60 -12.43 3.85
N ARG B 70 12.90 -12.45 3.54
CA ARG B 70 13.35 -12.85 2.21
C ARG B 70 12.65 -14.13 1.76
N THR B 71 12.59 -15.15 2.63
CA THR B 71 11.87 -16.37 2.31
C THR B 71 10.51 -16.11 1.64
N GLU B 72 9.57 -15.52 2.38
CA GLU B 72 8.23 -15.32 1.87
C GLU B 72 8.18 -14.31 0.72
N ILE B 73 9.19 -13.46 0.63
CA ILE B 73 9.27 -12.49 -0.47
C ILE B 73 9.58 -13.18 -1.79
N GLU B 74 10.68 -13.93 -1.81
CA GLU B 74 11.04 -14.73 -2.97
C GLU B 74 9.97 -15.77 -3.18
N GLY B 75 9.13 -15.93 -2.17
CA GLY B 75 7.97 -16.79 -2.28
C GLY B 75 7.02 -16.20 -3.29
N THR B 76 6.73 -14.91 -3.14
CA THR B 76 5.76 -14.29 -4.04
C THR B 76 6.37 -13.95 -5.40
N GLN B 77 7.70 -13.90 -5.47
CA GLN B 77 8.39 -13.73 -6.75
C GLN B 77 8.24 -15.00 -7.58
N LYS B 78 8.72 -16.09 -7.00
CA LYS B 78 8.50 -17.41 -7.56
C LYS B 78 7.05 -17.52 -7.98
N LEU B 79 6.14 -17.11 -7.09
CA LEU B 79 4.72 -17.22 -7.37
C LEU B 79 4.36 -16.53 -8.68
N LEU B 80 4.93 -15.35 -8.91
CA LEU B 80 4.59 -14.54 -10.08
C LEU B 80 5.05 -15.20 -11.37
N ASN B 81 6.25 -15.75 -11.35
CA ASN B 81 6.76 -16.45 -12.51
C ASN B 81 5.77 -17.50 -12.93
N LYS B 82 5.24 -18.25 -11.96
CA LYS B 82 4.20 -19.22 -12.25
C LYS B 82 2.96 -18.55 -12.84
N ASP B 83 2.55 -17.42 -12.26
CA ASP B 83 1.39 -16.68 -12.75
C ASP B 83 1.57 -16.30 -14.20
N LEU B 84 2.80 -15.92 -14.57
CA LEU B 84 3.14 -15.57 -15.95
C LEU B 84 3.07 -16.78 -16.86
N ALA B 85 3.67 -17.88 -16.42
CA ALA B 85 3.67 -19.13 -17.17
C ALA B 85 2.25 -19.59 -17.45
N GLU B 86 1.38 -19.48 -16.45
CA GLU B 86 -0.02 -19.82 -16.64
C GLU B 86 -0.63 -18.91 -17.69
N LEU B 87 -0.24 -17.65 -17.67
CA LEU B 87 -0.78 -16.70 -18.63
C LEU B 87 -0.33 -17.07 -20.04
N ILE B 88 0.97 -17.28 -20.20
CA ILE B 88 1.50 -17.67 -21.49
C ILE B 88 0.79 -18.91 -21.97
N ASN B 89 0.80 -19.95 -21.13
CA ASN B 89 0.05 -21.16 -21.39
C ASN B 89 -1.39 -20.87 -21.81
N LYS B 90 -2.12 -20.06 -21.05
CA LYS B 90 -3.49 -19.73 -21.42
C LYS B 90 -3.58 -18.89 -22.70
N MET B 91 -2.47 -18.29 -23.14
CA MET B 91 -2.47 -17.48 -24.35
C MET B 91 -2.25 -18.36 -25.56
N ARG B 92 -1.18 -19.16 -25.51
CA ARG B 92 -0.92 -20.17 -26.52
C ARG B 92 -2.22 -20.86 -26.82
N LEU B 93 -2.87 -21.29 -25.74
CA LEU B 93 -4.13 -22.00 -25.81
C LEU B 93 -5.26 -21.20 -26.48
N ALA B 94 -5.18 -19.88 -26.43
CA ALA B 94 -6.23 -19.03 -27.00
C ALA B 94 -5.98 -18.76 -28.47
N GLN B 95 -4.71 -18.85 -28.86
CA GLN B 95 -4.34 -18.79 -30.27
C GLN B 95 -4.90 -20.02 -30.98
N GLN B 96 -4.40 -21.18 -30.57
CA GLN B 96 -4.79 -22.45 -31.15
C GLN B 96 -6.31 -22.57 -31.25
N ASN B 97 -7.01 -21.93 -30.33
CA ASN B 97 -8.45 -22.05 -30.30
C ASN B 97 -9.27 -20.91 -30.90
N ALA B 98 -8.61 -19.89 -31.45
CA ALA B 98 -9.33 -18.91 -32.24
C ALA B 98 -10.04 -19.71 -33.31
N VAL B 99 -11.20 -19.24 -33.74
CA VAL B 99 -12.07 -20.05 -34.61
C VAL B 99 -12.25 -21.52 -34.16
N THR B 100 -12.64 -21.72 -32.90
CA THR B 100 -13.23 -22.97 -32.44
C THR B 100 -14.38 -22.56 -31.54
N SER B 101 -15.19 -23.51 -31.09
CA SER B 101 -16.33 -23.20 -30.24
C SER B 101 -15.87 -22.62 -28.90
N LEU B 102 -14.61 -22.84 -28.56
CA LEU B 102 -14.10 -22.40 -27.26
C LEU B 102 -12.98 -21.35 -27.32
N SER B 103 -13.04 -20.48 -28.33
CA SER B 103 -12.13 -19.34 -28.42
C SER B 103 -12.34 -18.41 -27.24
N GLU B 104 -13.60 -18.19 -26.89
CA GLU B 104 -13.94 -17.23 -25.85
C GLU B 104 -13.53 -17.70 -24.46
N GLU B 105 -13.83 -18.96 -24.18
CA GLU B 105 -13.39 -19.57 -22.94
C GLU B 105 -11.89 -19.40 -22.78
N CYS B 106 -11.13 -19.81 -23.78
CA CYS B 106 -9.68 -19.65 -23.72
C CYS B 106 -9.28 -18.22 -23.36
N LYS B 107 -10.00 -17.25 -23.91
CA LYS B 107 -9.71 -15.85 -23.66
C LYS B 107 -10.09 -15.50 -22.23
N ARG B 108 -11.30 -15.90 -21.84
CA ARG B 108 -11.77 -15.70 -20.48
C ARG B 108 -10.69 -16.14 -19.49
N GLN B 109 -10.04 -17.28 -19.77
CA GLN B 109 -8.97 -17.77 -18.90
C GLN B 109 -7.73 -16.89 -18.96
N MET B 110 -7.45 -16.39 -20.15
CA MET B 110 -6.26 -15.59 -20.33
C MET B 110 -6.34 -14.36 -19.42
N LEU B 111 -7.53 -13.77 -19.39
CA LEU B 111 -7.79 -12.59 -18.58
C LEU B 111 -7.57 -12.89 -17.12
N THR B 112 -8.24 -13.92 -16.61
CA THR B 112 -8.09 -14.20 -15.20
C THR B 112 -6.66 -14.61 -14.88
N ALA B 113 -6.00 -15.24 -15.85
CA ALA B 113 -4.62 -15.65 -15.65
C ALA B 113 -3.82 -14.41 -15.31
N SER B 114 -4.18 -13.32 -15.97
CA SER B 114 -3.44 -12.08 -15.84
C SER B 114 -3.90 -11.27 -14.63
N HIS B 115 -5.20 -11.28 -14.38
CA HIS B 115 -5.75 -10.64 -13.20
C HIS B 115 -5.01 -11.18 -11.97
N THR B 116 -4.96 -12.50 -11.86
CA THR B 116 -4.20 -13.17 -10.80
C THR B 116 -2.77 -12.69 -10.75
N LEU B 117 -2.16 -12.51 -11.92
CA LEU B 117 -0.81 -12.01 -11.95
C LEU B 117 -0.77 -10.64 -11.29
N ALA B 118 -1.76 -9.80 -11.58
CA ALA B 118 -1.78 -8.46 -11.02
C ALA B 118 -1.89 -8.53 -9.52
N VAL B 119 -2.94 -9.19 -9.05
CA VAL B 119 -3.16 -9.34 -7.63
C VAL B 119 -1.88 -9.77 -6.91
N ASP B 120 -1.24 -10.83 -7.39
CA ASP B 120 -0.03 -11.34 -6.74
C ASP B 120 1.08 -10.31 -6.77
N ALA B 121 1.03 -9.42 -7.74
CA ALA B 121 1.98 -8.31 -7.78
C ALA B 121 1.77 -7.38 -6.59
N LYS B 122 0.51 -7.03 -6.34
CA LYS B 122 0.13 -6.23 -5.19
C LYS B 122 0.61 -6.92 -3.92
N ASN B 123 0.28 -8.22 -3.80
CA ASN B 123 0.70 -8.99 -2.64
C ASN B 123 2.21 -9.05 -2.52
N LEU B 124 2.92 -8.92 -3.64
CA LEU B 124 4.38 -8.80 -3.56
C LEU B 124 4.70 -7.45 -2.92
N LEU B 125 3.97 -6.42 -3.33
CA LEU B 125 4.20 -5.09 -2.77
C LEU B 125 3.98 -5.10 -1.27
N ASP B 126 2.82 -5.59 -0.82
CA ASP B 126 2.52 -5.64 0.62
C ASP B 126 3.65 -6.34 1.35
N ALA B 127 4.01 -7.52 0.88
CA ALA B 127 5.09 -8.30 1.47
C ALA B 127 6.39 -7.50 1.59
N VAL B 128 6.62 -6.60 0.64
CA VAL B 128 7.85 -5.83 0.64
C VAL B 128 7.79 -4.68 1.63
N ASP B 129 6.67 -3.96 1.63
CA ASP B 129 6.52 -2.83 2.53
C ASP B 129 6.56 -3.32 3.96
N GLN B 130 5.93 -4.47 4.20
CA GLN B 130 5.89 -5.01 5.55
C GLN B 130 7.28 -5.41 6.01
N ALA B 131 8.02 -6.09 5.16
CA ALA B 131 9.38 -6.49 5.50
C ALA B 131 10.28 -5.27 5.66
N LYS B 132 10.03 -4.23 4.85
CA LYS B 132 10.80 -2.99 4.91
C LYS B 132 10.67 -2.37 6.29
N VAL B 133 9.46 -2.45 6.83
CA VAL B 133 9.13 -1.90 8.13
C VAL B 133 9.83 -2.68 9.26
N LEU B 134 9.59 -3.99 9.31
CA LEU B 134 10.16 -4.83 10.36
C LEU B 134 11.68 -4.77 10.37
N ALA B 135 12.26 -4.40 9.22
CA ALA B 135 13.69 -4.19 9.13
C ALA B 135 14.07 -2.94 9.90
N ASN B 136 13.30 -1.88 9.69
CA ASN B 136 13.53 -0.60 10.35
C ASN B 136 13.44 -0.68 11.88
N LEU B 137 12.55 -1.55 12.37
CA LEU B 137 12.33 -1.70 13.80
C LEU B 137 13.54 -2.23 14.55
N ALA B 138 14.04 -3.38 14.14
CA ALA B 138 15.22 -3.95 14.79
C ALA B 138 16.35 -2.93 14.80
N HIS B 139 16.46 -2.15 13.72
CA HIS B 139 17.43 -1.04 13.62
C HIS B 139 17.03 0.11 14.55
N ASP C 11 -4.39 -16.97 12.93
CA ASP C 11 -5.24 -16.10 13.72
C ASP C 11 -4.59 -15.78 15.06
N ASP C 12 -4.11 -14.54 15.19
CA ASP C 12 -3.29 -14.13 16.32
C ASP C 12 -3.56 -12.67 16.70
N LEU C 13 -4.33 -12.45 17.76
CA LEU C 13 -4.73 -11.09 18.12
C LEU C 13 -3.59 -10.22 18.62
N VAL C 14 -2.70 -10.79 19.43
CA VAL C 14 -1.56 -10.01 19.91
C VAL C 14 -0.74 -9.50 18.72
N TYR C 15 -0.54 -10.36 17.72
CA TYR C 15 0.21 -9.95 16.54
C TYR C 15 -0.49 -8.82 15.80
N LEU C 16 -1.81 -8.94 15.68
CA LEU C 16 -2.59 -7.91 15.01
C LEU C 16 -2.44 -6.57 15.72
N ASN C 17 -2.64 -6.59 17.04
CA ASN C 17 -2.57 -5.38 17.84
C ASN C 17 -1.18 -4.76 17.83
N VAL C 18 -0.15 -5.59 17.75
CA VAL C 18 1.20 -5.07 17.61
C VAL C 18 1.34 -4.36 16.25
N MET C 19 0.91 -5.03 15.18
CA MET C 19 0.98 -4.43 13.85
C MET C 19 0.22 -3.13 13.82
N GLU C 20 -0.97 -3.13 14.42
CA GLU C 20 -1.78 -1.92 14.51
C GLU C 20 -0.97 -0.79 15.15
N LEU C 21 -0.34 -1.09 16.28
CA LEU C 21 0.43 -0.10 17.01
C LEU C 21 1.59 0.40 16.17
N VAL C 22 2.34 -0.52 15.59
CA VAL C 22 3.45 -0.13 14.74
C VAL C 22 2.96 0.85 13.67
N ARG C 23 1.83 0.54 13.06
CA ARG C 23 1.24 1.43 12.08
C ARG C 23 0.95 2.80 12.69
N ALA C 24 0.24 2.80 13.82
CA ALA C 24 -0.09 4.06 14.49
C ALA C 24 1.13 4.95 14.77
N VAL C 25 2.27 4.32 15.04
CA VAL C 25 3.50 5.07 15.22
C VAL C 25 3.95 5.65 13.88
N LEU C 26 3.86 4.83 12.84
CA LEU C 26 4.25 5.28 11.52
C LEU C 26 3.38 6.43 11.07
N GLU C 27 2.10 6.33 11.39
CA GLU C 27 1.15 7.39 11.10
C GLU C 27 1.63 8.67 11.73
N LEU C 28 1.95 8.58 13.02
CA LEU C 28 2.46 9.71 13.77
C LEU C 28 3.70 10.30 13.11
N LYS C 29 4.66 9.45 12.78
CA LYS C 29 5.87 9.90 12.12
C LYS C 29 5.50 10.77 10.93
N ASN C 30 4.49 10.33 10.20
CA ASN C 30 4.14 10.91 8.91
C ASN C 30 3.32 12.20 9.00
N GLU C 31 2.57 12.36 10.09
CA GLU C 31 1.60 13.43 10.19
C GLU C 31 1.97 14.56 11.14
N LEU C 32 3.08 14.39 11.86
CA LEU C 32 3.63 15.49 12.63
C LEU C 32 3.92 16.65 11.69
N SER C 33 4.50 16.30 10.55
CA SER C 33 4.93 17.28 9.57
C SER C 33 3.79 18.20 9.11
N GLN C 34 2.58 17.66 8.99
CA GLN C 34 1.46 18.48 8.51
C GLN C 34 0.44 18.83 9.60
N LEU C 35 0.83 18.65 10.86
CA LEU C 35 -0.01 18.99 12.01
C LEU C 35 0.54 20.17 12.81
N PRO C 36 -0.35 20.89 13.51
CA PRO C 36 0.03 21.94 14.45
C PRO C 36 0.11 21.40 15.88
N PRO C 37 0.74 22.17 16.80
CA PRO C 37 0.89 21.87 18.23
C PRO C 37 -0.33 21.23 18.89
N GLU C 38 -1.52 21.79 18.69
CA GLU C 38 -2.72 21.24 19.32
C GLU C 38 -2.85 19.79 18.87
N GLY C 39 -2.71 19.59 17.57
CA GLY C 39 -2.85 18.27 16.97
C GLY C 39 -1.92 17.21 17.52
N TYR C 40 -0.75 17.62 18.03
CA TYR C 40 0.24 16.66 18.49
C TYR C 40 -0.37 15.70 19.52
N VAL C 41 -1.29 16.23 20.31
CA VAL C 41 -1.87 15.46 21.40
C VAL C 41 -2.77 14.34 20.93
N VAL C 42 -3.71 14.72 20.07
CA VAL C 42 -4.65 13.79 19.44
C VAL C 42 -3.90 12.57 18.90
N VAL C 43 -2.85 12.82 18.12
CA VAL C 43 -2.05 11.74 17.55
C VAL C 43 -1.53 10.80 18.63
N VAL C 44 -0.86 11.40 19.61
CA VAL C 44 -0.25 10.62 20.69
C VAL C 44 -1.36 9.89 21.40
N LYS C 45 -2.50 10.55 21.50
CA LYS C 45 -3.64 9.91 22.11
C LYS C 45 -4.01 8.61 21.38
N ASN C 46 -4.02 8.66 20.05
CA ASN C 46 -4.23 7.48 19.21
C ASN C 46 -3.23 6.37 19.48
N VAL C 47 -1.97 6.75 19.64
CA VAL C 47 -0.92 5.77 19.87
C VAL C 47 -1.18 5.12 21.22
N GLY C 48 -1.73 5.91 22.14
CA GLY C 48 -2.07 5.41 23.45
C GLY C 48 -3.18 4.39 23.38
N LEU C 49 -4.28 4.79 22.75
CA LEU C 49 -5.46 3.94 22.69
C LEU C 49 -5.14 2.59 22.07
N THR C 50 -4.37 2.59 21.00
CA THR C 50 -4.02 1.33 20.34
C THR C 50 -2.99 0.53 21.12
N LEU C 51 -2.21 1.21 21.97
CA LEU C 51 -1.32 0.49 22.87
C LEU C 51 -2.14 -0.23 23.90
N ARG C 52 -3.16 0.47 24.41
CA ARG C 52 -4.06 -0.16 25.37
C ARG C 52 -4.70 -1.41 24.80
N LYS C 53 -5.21 -1.29 23.56
CA LYS C 53 -5.83 -2.44 22.88
C LYS C 53 -4.89 -3.61 22.93
N LEU C 54 -3.62 -3.34 22.66
CA LEU C 54 -2.60 -4.35 22.64
C LEU C 54 -2.37 -4.94 24.03
N ILE C 55 -2.05 -4.09 25.00
CA ILE C 55 -1.82 -4.53 26.36
C ILE C 55 -2.99 -5.39 26.86
N GLY C 56 -4.20 -4.92 26.57
CA GLY C 56 -5.40 -5.61 26.98
C GLY C 56 -5.38 -7.06 26.52
N SER C 57 -5.32 -7.26 25.20
CA SER C 57 -5.40 -8.61 24.66
C SER C 57 -4.35 -9.53 25.27
N VAL C 58 -3.21 -8.97 25.66
CA VAL C 58 -2.14 -9.77 26.25
C VAL C 58 -2.46 -10.23 27.67
N ASP C 59 -2.91 -9.31 28.51
CA ASP C 59 -3.35 -9.65 29.85
C ASP C 59 -4.35 -10.81 29.77
N ASP C 60 -4.97 -10.98 28.59
CA ASP C 60 -5.98 -12.01 28.38
C ASP C 60 -5.40 -13.41 28.13
N LEU C 61 -4.16 -13.49 27.64
CA LEU C 61 -3.54 -14.79 27.34
C LEU C 61 -2.69 -15.29 28.48
N LEU C 62 -2.06 -14.36 29.19
CA LEU C 62 -1.12 -14.71 30.25
C LEU C 62 -1.44 -16.01 31.01
N PRO C 63 -2.63 -16.09 31.65
CA PRO C 63 -2.93 -17.22 32.52
C PRO C 63 -2.51 -18.59 31.94
N SER C 64 -2.89 -18.84 30.69
CA SER C 64 -2.64 -20.10 29.98
C SER C 64 -1.17 -20.28 29.59
N LEU C 65 -0.28 -19.57 30.28
CA LEU C 65 1.14 -19.64 29.89
C LEU C 65 2.05 -19.84 31.10
N PRO C 66 3.21 -20.45 30.84
CA PRO C 66 4.25 -20.73 31.84
C PRO C 66 4.64 -19.46 32.60
N SER C 67 5.12 -19.65 33.81
CA SER C 67 5.45 -18.54 34.71
C SER C 67 6.75 -17.81 34.35
N SER C 68 7.65 -18.48 33.64
CA SER C 68 8.94 -17.87 33.28
C SER C 68 8.78 -16.85 32.15
N SER C 69 7.77 -17.05 31.31
CA SER C 69 7.42 -16.09 30.28
C SER C 69 6.69 -14.91 30.89
N ARG C 70 5.75 -15.20 31.78
CA ARG C 70 4.95 -14.17 32.44
C ARG C 70 5.82 -13.05 33.01
N THR C 71 7.01 -13.40 33.51
CA THR C 71 7.92 -12.41 34.09
C THR C 71 8.44 -11.40 33.06
N GLU C 72 9.03 -11.90 31.98
CA GLU C 72 9.59 -11.03 30.96
C GLU C 72 8.49 -10.30 30.19
N ILE C 73 7.37 -10.99 29.95
CA ILE C 73 6.25 -10.38 29.24
C ILE C 73 5.68 -9.21 30.03
N GLU C 74 5.42 -9.43 31.32
CA GLU C 74 4.98 -8.36 32.19
C GLU C 74 6.03 -7.24 32.22
N GLY C 75 7.28 -7.61 31.93
CA GLY C 75 8.38 -6.66 31.93
C GLY C 75 8.32 -5.71 30.75
N THR C 76 8.10 -6.26 29.56
CA THR C 76 7.99 -5.45 28.36
C THR C 76 6.76 -4.53 28.44
N GLN C 77 5.67 -5.06 28.98
CA GLN C 77 4.48 -4.26 29.19
C GLN C 77 4.81 -2.98 29.95
N LYS C 78 5.46 -3.14 31.10
CA LYS C 78 5.85 -1.99 31.89
C LYS C 78 6.70 -1.05 31.04
N LEU C 79 7.58 -1.66 30.24
CA LEU C 79 8.46 -0.90 29.38
C LEU C 79 7.66 -0.03 28.41
N LEU C 80 6.66 -0.63 27.76
CA LEU C 80 5.80 0.10 26.84
C LEU C 80 5.16 1.32 27.51
N ASN C 81 4.87 1.21 28.79
CA ASN C 81 4.31 2.35 29.52
C ASN C 81 5.37 3.41 29.80
N LYS C 82 6.59 2.98 30.03
CA LYS C 82 7.71 3.93 30.15
C LYS C 82 7.81 4.64 28.81
N ASP C 83 7.79 3.86 27.74
CA ASP C 83 7.94 4.37 26.38
C ASP C 83 6.84 5.36 26.04
N LEU C 84 5.61 4.95 26.33
CA LEU C 84 4.48 5.82 26.10
C LEU C 84 4.67 7.09 26.92
N ALA C 85 5.03 6.91 28.19
CA ALA C 85 5.22 8.02 29.11
C ALA C 85 6.29 8.99 28.63
N GLU C 86 7.36 8.47 28.04
CA GLU C 86 8.37 9.34 27.46
C GLU C 86 7.86 10.04 26.21
N LEU C 87 7.14 9.30 25.37
CA LEU C 87 6.52 9.90 24.21
C LEU C 87 5.64 11.10 24.62
N ILE C 88 4.85 10.92 25.66
CA ILE C 88 3.94 11.98 26.11
C ILE C 88 4.74 13.19 26.55
N ASN C 89 5.84 12.92 27.24
CA ASN C 89 6.64 13.98 27.78
C ASN C 89 7.33 14.74 26.66
N LYS C 90 7.94 13.98 25.74
CA LYS C 90 8.56 14.55 24.55
C LYS C 90 7.56 15.35 23.73
N MET C 91 6.33 14.86 23.67
CA MET C 91 5.29 15.58 22.96
C MET C 91 5.07 16.96 23.57
N ARG C 92 4.97 17.00 24.90
CA ARG C 92 4.68 18.23 25.66
C ARG C 92 5.77 19.27 25.44
N LEU C 93 7.01 18.79 25.38
CA LEU C 93 8.16 19.60 25.06
C LEU C 93 8.01 20.23 23.66
N ALA C 94 7.48 19.43 22.75
CA ALA C 94 7.34 19.83 21.36
C ALA C 94 6.31 20.93 21.20
N GLN C 95 5.30 20.92 22.09
CA GLN C 95 4.29 21.97 22.09
C GLN C 95 4.84 23.30 22.59
N GLN C 96 5.43 23.27 23.78
CA GLN C 96 5.95 24.50 24.39
C GLN C 96 6.99 25.12 23.49
N ASN C 97 7.77 24.27 22.83
CA ASN C 97 8.83 24.74 21.96
C ASN C 97 8.41 24.90 20.51
N ALA C 98 7.11 25.06 20.30
CA ALA C 98 6.51 25.16 18.98
C ALA C 98 6.83 26.45 18.20
N VAL C 99 7.10 27.53 18.90
CA VAL C 99 7.39 28.80 18.24
C VAL C 99 8.88 29.15 18.25
N THR C 100 9.66 28.37 19.02
CA THR C 100 11.10 28.61 19.17
C THR C 100 11.93 27.71 18.26
N SER C 101 13.15 28.15 17.97
CA SER C 101 14.05 27.43 17.08
C SER C 101 14.34 26.00 17.52
N LEU C 102 13.76 25.59 18.64
CA LEU C 102 14.00 24.26 19.18
C LEU C 102 13.00 23.23 18.67
N SER C 103 12.01 23.71 17.94
CA SER C 103 10.94 22.86 17.44
C SER C 103 11.44 21.60 16.74
N GLU C 104 12.27 21.79 15.73
CA GLU C 104 12.77 20.68 14.94
C GLU C 104 13.43 19.60 15.81
N GLU C 105 14.07 20.03 16.90
CA GLU C 105 14.73 19.10 17.82
C GLU C 105 13.74 18.43 18.78
N CYS C 106 12.69 19.16 19.14
CA CYS C 106 11.63 18.59 19.97
C CYS C 106 10.90 17.48 19.22
N LYS C 107 10.50 17.78 17.98
CA LYS C 107 9.82 16.81 17.14
C LYS C 107 10.73 15.62 16.86
N ARG C 108 12.00 15.92 16.57
CA ARG C 108 13.01 14.89 16.33
C ARG C 108 13.06 13.87 17.48
N GLN C 109 12.65 14.29 18.67
CA GLN C 109 12.65 13.42 19.85
C GLN C 109 11.34 12.70 20.11
N MET C 110 10.22 13.34 19.75
CA MET C 110 8.95 12.62 19.70
C MET C 110 9.13 11.38 18.82
N LEU C 111 9.60 11.62 17.60
CA LEU C 111 9.76 10.55 16.64
C LEU C 111 10.65 9.45 17.20
N THR C 112 11.76 9.84 17.80
CA THR C 112 12.66 8.87 18.45
C THR C 112 11.91 8.02 19.49
N ALA C 113 11.11 8.68 20.32
CA ALA C 113 10.33 8.01 21.35
C ALA C 113 9.35 7.04 20.71
N SER C 114 8.55 7.56 19.77
CA SER C 114 7.58 6.74 19.07
C SER C 114 8.27 5.52 18.47
N HIS C 115 9.44 5.73 17.88
CA HIS C 115 10.16 4.62 17.29
C HIS C 115 10.47 3.53 18.33
N THR C 116 11.12 3.92 19.42
CA THR C 116 11.51 2.92 20.41
C THR C 116 10.28 2.21 20.96
N LEU C 117 9.17 2.93 20.99
CA LEU C 117 7.91 2.37 21.46
C LEU C 117 7.46 1.26 20.55
N ALA C 118 7.77 1.40 19.26
CA ALA C 118 7.45 0.39 18.27
C ALA C 118 8.45 -0.74 18.40
N VAL C 119 9.70 -0.37 18.61
CA VAL C 119 10.75 -1.37 18.74
C VAL C 119 10.45 -2.35 19.86
N ASP C 120 9.93 -1.83 20.97
CA ASP C 120 9.58 -2.68 22.10
C ASP C 120 8.30 -3.44 21.83
N ALA C 121 7.39 -2.81 21.10
CA ALA C 121 6.19 -3.51 20.68
C ALA C 121 6.59 -4.76 19.91
N LYS C 122 7.61 -4.63 19.07
CA LYS C 122 8.13 -5.78 18.34
C LYS C 122 8.63 -6.81 19.36
N ASN C 123 9.37 -6.33 20.35
CA ASN C 123 9.97 -7.22 21.35
C ASN C 123 8.96 -7.97 22.20
N LEU C 124 7.88 -7.29 22.55
CA LEU C 124 6.80 -7.96 23.25
C LEU C 124 6.39 -9.17 22.41
N LEU C 125 5.99 -8.91 21.17
CA LEU C 125 5.57 -9.98 20.26
C LEU C 125 6.55 -11.14 20.29
N ASP C 126 7.83 -10.83 20.16
CA ASP C 126 8.85 -11.87 20.19
C ASP C 126 8.67 -12.70 21.45
N ALA C 127 8.86 -12.07 22.61
CA ALA C 127 8.77 -12.75 23.89
C ALA C 127 7.53 -13.63 23.95
N VAL C 128 6.40 -13.07 23.56
CA VAL C 128 5.11 -13.76 23.66
C VAL C 128 5.00 -14.94 22.72
N ASP C 129 5.51 -14.79 21.50
CA ASP C 129 5.41 -15.88 20.54
C ASP C 129 6.10 -17.11 21.10
N GLN C 130 7.27 -16.89 21.70
CA GLN C 130 8.03 -18.01 22.25
C GLN C 130 7.29 -18.62 23.44
N ALA C 131 6.68 -17.77 24.26
CA ALA C 131 5.92 -18.25 25.42
C ALA C 131 4.73 -19.11 24.98
N LYS C 132 4.03 -18.69 23.94
CA LYS C 132 2.90 -19.46 23.40
C LYS C 132 3.38 -20.80 22.83
N VAL C 133 4.48 -20.77 22.07
CA VAL C 133 5.04 -21.99 21.50
C VAL C 133 5.52 -22.97 22.59
N LEU C 134 6.35 -22.45 23.50
CA LEU C 134 6.84 -23.25 24.63
C LEU C 134 5.68 -23.95 25.35
N ALA C 135 4.59 -23.22 25.60
CA ALA C 135 3.41 -23.78 26.28
C ALA C 135 2.78 -24.96 25.50
N ASN C 136 2.76 -24.85 24.17
CA ASN C 136 2.36 -25.97 23.32
C ASN C 136 3.38 -27.13 23.42
N ASP D 11 30.10 -13.64 -20.28
CA ASP D 11 29.03 -12.97 -19.53
C ASP D 11 29.01 -11.47 -19.82
N ASP D 12 28.19 -11.08 -20.80
CA ASP D 12 28.12 -9.69 -21.26
C ASP D 12 26.67 -9.20 -21.39
N LEU D 13 26.20 -8.46 -20.41
CA LEU D 13 24.81 -8.02 -20.38
C LEU D 13 24.48 -7.08 -21.53
N VAL D 14 25.39 -6.15 -21.81
CA VAL D 14 25.17 -5.17 -22.85
C VAL D 14 24.99 -5.84 -24.21
N TYR D 15 25.83 -6.83 -24.50
CA TYR D 15 25.73 -7.54 -25.77
C TYR D 15 24.39 -8.24 -25.86
N LEU D 16 24.03 -8.92 -24.79
CA LEU D 16 22.73 -9.59 -24.74
C LEU D 16 21.59 -8.58 -24.95
N ASN D 17 21.64 -7.49 -24.19
CA ASN D 17 20.57 -6.48 -24.25
C ASN D 17 20.48 -5.84 -25.64
N VAL D 18 21.61 -5.58 -26.27
CA VAL D 18 21.62 -5.12 -27.65
C VAL D 18 20.94 -6.14 -28.57
N MET D 19 21.41 -7.39 -28.48
CA MET D 19 20.86 -8.46 -29.31
C MET D 19 19.35 -8.55 -29.14
N GLU D 20 18.90 -8.46 -27.89
CA GLU D 20 17.47 -8.47 -27.59
C GLU D 20 16.75 -7.38 -28.35
N LEU D 21 17.29 -6.16 -28.30
CA LEU D 21 16.68 -5.02 -28.95
C LEU D 21 16.59 -5.25 -30.45
N VAL D 22 17.66 -5.75 -31.04
CA VAL D 22 17.65 -6.01 -32.46
C VAL D 22 16.56 -7.01 -32.81
N ARG D 23 16.51 -8.11 -32.06
CA ARG D 23 15.43 -9.07 -32.25
C ARG D 23 14.07 -8.36 -32.15
N ALA D 24 13.93 -7.47 -31.16
CA ALA D 24 12.68 -6.77 -30.91
C ALA D 24 12.26 -5.88 -32.08
N VAL D 25 13.24 -5.25 -32.72
CA VAL D 25 12.98 -4.47 -33.91
C VAL D 25 12.62 -5.43 -35.03
N LEU D 26 13.42 -6.48 -35.16
CA LEU D 26 13.21 -7.50 -36.17
C LEU D 26 11.81 -8.06 -36.15
N GLU D 27 11.29 -8.22 -34.93
CA GLU D 27 9.94 -8.74 -34.71
C GLU D 27 8.95 -7.79 -35.33
N LEU D 28 9.02 -6.55 -34.85
CA LEU D 28 8.15 -5.49 -35.35
C LEU D 28 8.12 -5.47 -36.87
N LYS D 29 9.29 -5.66 -37.49
CA LYS D 29 9.40 -5.66 -38.93
C LYS D 29 8.30 -6.51 -39.57
N ASN D 30 8.21 -7.78 -39.21
CA ASN D 30 7.23 -8.63 -39.90
C ASN D 30 6.01 -9.02 -39.08
N GLU D 31 5.74 -8.25 -38.04
CA GLU D 31 4.48 -8.40 -37.32
C GLU D 31 3.61 -7.17 -37.54
N LEU D 32 4.17 -6.14 -38.16
CA LEU D 32 3.37 -5.02 -38.64
C LEU D 32 2.47 -5.50 -39.76
N SER D 33 3.03 -6.33 -40.62
CA SER D 33 2.30 -6.86 -41.77
C SER D 33 0.96 -7.47 -41.36
N GLN D 34 0.89 -7.98 -40.13
CA GLN D 34 -0.27 -8.74 -39.68
C GLN D 34 -0.95 -8.18 -38.42
N LEU D 35 -0.72 -6.90 -38.14
CA LEU D 35 -1.38 -6.23 -37.02
C LEU D 35 -2.31 -5.14 -37.53
N PRO D 36 -3.23 -4.70 -36.67
CA PRO D 36 -4.05 -3.53 -36.97
C PRO D 36 -3.49 -2.31 -36.24
N PRO D 37 -3.91 -1.10 -36.63
CA PRO D 37 -3.51 0.17 -36.03
C PRO D 37 -3.37 0.09 -34.52
N GLU D 38 -4.41 -0.38 -33.85
CA GLU D 38 -4.42 -0.44 -32.39
C GLU D 38 -3.14 -1.10 -31.88
N GLY D 39 -2.77 -2.21 -32.52
CA GLY D 39 -1.62 -2.98 -32.10
C GLY D 39 -0.25 -2.40 -32.39
N TYR D 40 -0.19 -1.43 -33.31
CA TYR D 40 1.09 -0.81 -33.65
C TYR D 40 1.75 -0.28 -32.40
N VAL D 41 0.94 0.13 -31.43
CA VAL D 41 1.46 0.64 -30.16
C VAL D 41 2.16 -0.42 -29.32
N VAL D 42 1.44 -1.50 -29.00
CA VAL D 42 2.00 -2.58 -28.19
C VAL D 42 3.39 -2.96 -28.69
N VAL D 43 3.55 -3.12 -30.01
CA VAL D 43 4.85 -3.49 -30.54
C VAL D 43 5.90 -2.47 -30.15
N VAL D 44 5.66 -1.23 -30.56
CA VAL D 44 6.61 -0.15 -30.31
C VAL D 44 6.87 -0.07 -28.82
N LYS D 45 5.82 -0.31 -28.06
CA LYS D 45 5.99 -0.37 -26.62
C LYS D 45 7.04 -1.39 -26.21
N ASN D 46 6.99 -2.60 -26.80
CA ASN D 46 8.02 -3.64 -26.57
C ASN D 46 9.42 -3.18 -26.89
N VAL D 47 9.54 -2.44 -27.99
CA VAL D 47 10.84 -1.96 -28.44
C VAL D 47 11.35 -0.96 -27.42
N GLY D 48 10.43 -0.15 -26.90
CA GLY D 48 10.76 0.76 -25.83
C GLY D 48 11.24 -0.02 -24.61
N LEU D 49 10.40 -0.94 -24.16
CA LEU D 49 10.69 -1.69 -22.95
C LEU D 49 12.08 -2.37 -22.98
N THR D 50 12.44 -2.98 -24.11
CA THR D 50 13.75 -3.63 -24.20
C THR D 50 14.88 -2.65 -24.43
N LEU D 51 14.56 -1.47 -24.96
CA LEU D 51 15.57 -0.44 -25.06
C LEU D 51 15.94 -0.06 -23.66
N ARG D 52 14.93 0.22 -22.85
CA ARG D 52 15.16 0.61 -21.47
C ARG D 52 16.10 -0.38 -20.78
N LYS D 53 15.80 -1.67 -20.94
CA LYS D 53 16.62 -2.72 -20.34
C LYS D 53 18.06 -2.59 -20.76
N LEU D 54 18.27 -2.34 -22.05
CA LEU D 54 19.61 -2.15 -22.58
C LEU D 54 20.25 -0.91 -21.97
N ILE D 55 19.55 0.21 -22.02
CA ILE D 55 20.07 1.46 -21.46
C ILE D 55 20.48 1.25 -20.00
N GLY D 56 19.60 0.62 -19.24
CA GLY D 56 19.84 0.37 -17.83
C GLY D 56 21.16 -0.33 -17.60
N SER D 57 21.35 -1.48 -18.24
CA SER D 57 22.56 -2.26 -18.03
C SER D 57 23.79 -1.38 -18.25
N VAL D 58 23.70 -0.48 -19.22
CA VAL D 58 24.84 0.37 -19.55
C VAL D 58 25.19 1.34 -18.42
N ASP D 59 24.21 2.10 -17.97
CA ASP D 59 24.41 3.06 -16.87
C ASP D 59 25.11 2.42 -15.67
N ASP D 60 25.06 1.09 -15.60
CA ASP D 60 25.67 0.33 -14.52
C ASP D 60 27.18 0.15 -14.70
N LEU D 61 27.61 -0.11 -15.93
CA LEU D 61 29.02 -0.26 -16.22
C LEU D 61 29.72 1.09 -16.26
N LEU D 62 28.98 2.09 -16.73
CA LEU D 62 29.55 3.39 -17.05
C LEU D 62 30.65 3.86 -16.09
N PRO D 63 30.39 3.83 -14.78
CA PRO D 63 31.41 4.28 -13.80
C PRO D 63 32.80 3.67 -14.03
N SER D 64 32.87 2.35 -14.18
CA SER D 64 34.14 1.66 -14.38
C SER D 64 34.72 1.81 -15.79
N LEU D 65 34.98 3.04 -16.22
CA LEU D 65 35.61 3.27 -17.51
C LEU D 65 36.04 4.73 -17.76
N PRO D 66 36.97 4.92 -18.71
CA PRO D 66 37.57 6.23 -19.05
C PRO D 66 36.53 7.26 -19.48
N SER D 67 36.85 8.55 -19.35
CA SER D 67 35.88 9.60 -19.65
C SER D 67 35.69 9.86 -21.14
N SER D 68 36.72 9.61 -21.93
CA SER D 68 36.65 9.85 -23.37
C SER D 68 35.64 8.90 -24.04
N SER D 69 35.39 7.77 -23.38
CA SER D 69 34.38 6.82 -23.84
C SER D 69 33.01 7.15 -23.26
N ARG D 70 33.00 7.81 -22.10
CA ARG D 70 31.75 8.16 -21.44
C ARG D 70 30.88 9.11 -22.27
N THR D 71 31.50 10.07 -22.93
CA THR D 71 30.74 11.04 -23.72
C THR D 71 30.21 10.43 -25.01
N GLU D 72 31.09 9.80 -25.80
CA GLU D 72 30.65 9.18 -27.05
C GLU D 72 29.57 8.13 -26.76
N ILE D 73 29.71 7.43 -25.64
CA ILE D 73 28.69 6.47 -25.21
C ILE D 73 27.37 7.17 -24.85
N GLU D 74 27.43 8.10 -23.91
CA GLU D 74 26.23 8.86 -23.54
C GLU D 74 25.59 9.51 -24.76
N GLY D 75 26.40 9.74 -25.79
CA GLY D 75 25.92 10.31 -27.03
C GLY D 75 25.03 9.37 -27.81
N THR D 76 25.50 8.12 -27.97
CA THR D 76 24.72 7.11 -28.68
C THR D 76 23.43 6.87 -27.92
N GLN D 77 23.54 6.84 -26.60
CA GLN D 77 22.39 6.65 -25.72
C GLN D 77 21.30 7.64 -26.02
N LYS D 78 21.64 8.93 -25.95
CA LYS D 78 20.66 9.97 -26.22
C LYS D 78 20.14 9.77 -27.64
N LEU D 79 21.03 9.38 -28.55
CA LEU D 79 20.65 9.14 -29.93
C LEU D 79 19.57 8.05 -30.00
N LEU D 80 19.77 6.98 -29.25
CA LEU D 80 18.78 5.91 -29.18
C LEU D 80 17.40 6.44 -28.78
N ASN D 81 17.38 7.42 -27.90
CA ASN D 81 16.12 8.00 -27.49
C ASN D 81 15.54 8.86 -28.59
N LYS D 82 16.41 9.41 -29.43
CA LYS D 82 15.88 10.11 -30.59
C LYS D 82 15.22 9.11 -31.53
N ASP D 83 15.90 7.99 -31.76
CA ASP D 83 15.41 6.98 -32.71
C ASP D 83 14.09 6.44 -32.24
N LEU D 84 14.02 6.16 -30.94
CA LEU D 84 12.77 5.72 -30.36
C LEU D 84 11.74 6.82 -30.54
N ALA D 85 12.12 8.02 -30.12
CA ALA D 85 11.23 9.17 -30.19
C ALA D 85 10.69 9.38 -31.60
N GLU D 86 11.53 9.16 -32.60
CA GLU D 86 11.11 9.27 -33.98
C GLU D 86 10.26 8.09 -34.39
N LEU D 87 10.66 6.89 -33.98
CA LEU D 87 9.86 5.69 -34.21
C LEU D 87 8.42 5.91 -33.76
N ILE D 88 8.26 6.44 -32.55
CA ILE D 88 6.93 6.71 -32.02
C ILE D 88 6.15 7.66 -32.92
N ASN D 89 6.82 8.72 -33.37
CA ASN D 89 6.17 9.69 -34.23
C ASN D 89 5.69 9.02 -35.51
N LYS D 90 6.61 8.32 -36.17
CA LYS D 90 6.30 7.51 -37.35
C LYS D 90 5.14 6.54 -37.10
N MET D 91 5.10 5.95 -35.90
CA MET D 91 4.03 5.03 -35.60
C MET D 91 2.70 5.76 -35.52
N ARG D 92 2.71 6.91 -34.85
CA ARG D 92 1.49 7.65 -34.64
C ARG D 92 0.96 8.15 -35.97
N LEU D 93 1.89 8.45 -36.86
CA LEU D 93 1.53 8.78 -38.23
C LEU D 93 0.83 7.60 -38.91
N ALA D 94 1.40 6.42 -38.73
CA ALA D 94 0.90 5.19 -39.35
C ALA D 94 -0.50 4.83 -38.87
N GLN D 95 -0.81 5.22 -37.63
CA GLN D 95 -2.13 5.01 -37.08
C GLN D 95 -3.20 5.85 -37.80
N GLN D 96 -3.00 7.17 -37.86
CA GLN D 96 -4.00 8.05 -38.45
C GLN D 96 -4.15 7.82 -39.95
N ASN D 97 -3.03 7.52 -40.61
CA ASN D 97 -3.07 7.19 -42.03
C ASN D 97 -3.48 5.76 -42.36
N ALA D 98 -4.08 5.08 -41.39
CA ALA D 98 -4.43 3.66 -41.52
C ALA D 98 -5.46 3.37 -42.60
N VAL D 99 -6.45 4.24 -42.74
CA VAL D 99 -7.52 4.04 -43.72
C VAL D 99 -7.26 4.73 -45.06
N THR D 100 -6.27 5.64 -45.09
CA THR D 100 -5.95 6.36 -46.32
C THR D 100 -4.85 5.66 -47.12
N SER D 101 -4.78 5.96 -48.40
CA SER D 101 -3.83 5.32 -49.31
C SER D 101 -2.37 5.59 -48.95
N LEU D 102 -2.12 5.90 -47.68
CA LEU D 102 -0.82 6.43 -47.26
C LEU D 102 -0.15 5.51 -46.26
N SER D 103 -0.89 4.49 -45.82
CA SER D 103 -0.39 3.45 -44.92
C SER D 103 0.91 2.79 -45.39
N GLU D 104 0.98 2.42 -46.67
CA GLU D 104 2.18 1.75 -47.16
C GLU D 104 3.38 2.62 -46.87
N GLU D 105 3.21 3.94 -47.07
CA GLU D 105 4.29 4.89 -46.85
C GLU D 105 4.53 5.17 -45.36
N CYS D 106 3.46 5.31 -44.59
CA CYS D 106 3.59 5.50 -43.15
C CYS D 106 4.40 4.37 -42.54
N LYS D 107 4.04 3.14 -42.89
CA LYS D 107 4.66 1.95 -42.30
C LYS D 107 6.09 1.80 -42.79
N ARG D 108 6.29 2.01 -44.09
CA ARG D 108 7.62 2.02 -44.68
C ARG D 108 8.56 2.92 -43.87
N GLN D 109 8.00 3.90 -43.14
CA GLN D 109 8.79 4.83 -42.34
C GLN D 109 9.01 4.35 -40.92
N MET D 110 8.02 3.65 -40.37
CA MET D 110 8.19 2.98 -39.09
C MET D 110 9.37 2.03 -39.20
N LEU D 111 9.31 1.19 -40.23
CA LEU D 111 10.33 0.19 -40.42
C LEU D 111 11.68 0.89 -40.51
N THR D 112 11.75 1.98 -41.27
CA THR D 112 12.98 2.72 -41.41
C THR D 112 13.55 3.24 -40.08
N ALA D 113 12.66 3.81 -39.27
CA ALA D 113 13.06 4.36 -37.97
C ALA D 113 13.52 3.26 -37.06
N SER D 114 12.76 2.16 -37.05
CA SER D 114 13.13 1.01 -36.24
C SER D 114 14.48 0.45 -36.70
N HIS D 115 14.74 0.51 -37.99
CA HIS D 115 16.02 0.04 -38.49
C HIS D 115 17.16 0.89 -37.95
N THR D 116 17.03 2.21 -38.07
CA THR D 116 18.11 3.07 -37.62
C THR D 116 18.27 2.93 -36.11
N LEU D 117 17.17 2.62 -35.44
CA LEU D 117 17.23 2.37 -34.01
C LEU D 117 18.15 1.19 -33.77
N ALA D 118 18.00 0.17 -34.60
CA ALA D 118 18.80 -1.05 -34.47
C ALA D 118 20.23 -0.77 -34.89
N VAL D 119 20.38 0.01 -35.95
CA VAL D 119 21.70 0.38 -36.42
C VAL D 119 22.49 1.11 -35.34
N ASP D 120 21.82 2.02 -34.63
CA ASP D 120 22.43 2.75 -33.52
C ASP D 120 22.70 1.86 -32.31
N ALA D 121 21.85 0.85 -32.11
CA ALA D 121 22.07 -0.10 -31.03
C ALA D 121 23.41 -0.76 -31.24
N LYS D 122 23.66 -1.21 -32.46
CA LYS D 122 24.91 -1.86 -32.82
C LYS D 122 26.08 -0.94 -32.51
N ASN D 123 25.91 0.35 -32.80
CA ASN D 123 26.96 1.35 -32.59
C ASN D 123 27.29 1.55 -31.12
N LEU D 124 26.26 1.56 -30.28
CA LEU D 124 26.48 1.64 -28.86
C LEU D 124 27.39 0.49 -28.44
N LEU D 125 27.05 -0.72 -28.90
CA LEU D 125 27.82 -1.91 -28.57
C LEU D 125 29.27 -1.76 -28.97
N ASP D 126 29.52 -1.09 -30.08
CA ASP D 126 30.89 -0.93 -30.54
C ASP D 126 31.66 -0.02 -29.59
N ALA D 127 31.11 1.17 -29.33
CA ALA D 127 31.76 2.15 -28.47
C ALA D 127 32.08 1.54 -27.11
N VAL D 128 31.12 0.81 -26.57
CA VAL D 128 31.26 0.19 -25.26
C VAL D 128 32.31 -0.91 -25.25
N ASP D 129 32.29 -1.76 -26.27
CA ASP D 129 33.26 -2.83 -26.35
C ASP D 129 34.66 -2.23 -26.31
N GLN D 130 34.82 -1.11 -27.01
CA GLN D 130 36.11 -0.42 -27.04
C GLN D 130 36.48 0.15 -25.68
N ALA D 131 35.54 0.86 -25.04
CA ALA D 131 35.76 1.44 -23.72
C ALA D 131 36.10 0.36 -22.70
N LYS D 132 35.50 -0.82 -22.83
CA LYS D 132 35.74 -1.93 -21.90
C LYS D 132 37.17 -2.46 -21.98
N VAL D 133 37.69 -2.55 -23.21
CA VAL D 133 39.05 -3.02 -23.46
C VAL D 133 40.10 -2.04 -22.90
N LEU D 134 39.99 -0.77 -23.32
CA LEU D 134 40.86 0.30 -22.80
C LEU D 134 40.89 0.32 -21.26
N ALA D 135 39.79 -0.04 -20.61
CA ALA D 135 39.75 -0.12 -19.14
C ALA D 135 40.50 -1.34 -18.57
N ASN D 136 40.61 -2.40 -19.38
CA ASN D 136 41.41 -3.58 -19.01
C ASN D 136 42.92 -3.30 -19.23
N SER E 1 -18.91 -10.29 17.64
CA SER E 1 -19.51 -9.84 16.39
C SER E 1 -19.32 -8.34 16.14
N ALA E 2 -20.07 -7.53 16.90
CA ALA E 2 -20.15 -6.07 16.67
C ALA E 2 -18.83 -5.39 16.32
N THR E 3 -17.79 -5.67 17.09
CA THR E 3 -16.45 -5.17 16.82
C THR E 3 -16.08 -5.40 15.35
N ARG E 4 -16.37 -6.60 14.82
CA ARG E 4 -15.95 -6.97 13.46
C ARG E 4 -16.39 -5.96 12.42
N GLU E 5 -17.68 -5.70 12.28
CA GLU E 5 -18.15 -4.73 11.29
C GLU E 5 -17.55 -3.34 11.56
N LEU E 6 -17.12 -3.12 12.80
CA LEU E 6 -16.51 -1.86 13.20
C LEU E 6 -15.06 -1.77 12.74
N ASP E 7 -14.27 -2.81 13.05
CA ASP E 7 -12.89 -2.84 12.62
C ASP E 7 -12.82 -2.67 11.12
N GLU E 8 -13.79 -3.25 10.42
CA GLU E 8 -13.93 -3.09 8.99
C GLU E 8 -14.21 -1.63 8.68
N LEU E 9 -15.17 -1.06 9.40
CA LEU E 9 -15.47 0.35 9.27
C LEU E 9 -14.21 1.18 9.49
N MET E 10 -13.34 0.69 10.39
CA MET E 10 -12.13 1.37 10.83
C MET E 10 -11.07 1.40 9.75
N ALA E 11 -10.85 0.25 9.12
CA ALA E 11 -9.86 0.11 8.07
C ALA E 11 -10.03 1.23 7.04
N SER E 12 -11.25 1.45 6.56
CA SER E 12 -11.44 2.46 5.51
C SER E 12 -10.74 3.81 5.84
N LEU E 13 -10.50 4.07 7.11
CA LEU E 13 -9.76 5.27 7.56
C LEU E 13 -8.30 5.25 7.05
N SER F 1 18.45 -15.47 -8.85
CA SER F 1 17.69 -16.65 -9.30
C SER F 1 16.45 -16.31 -10.12
N ALA F 2 15.42 -15.74 -9.47
CA ALA F 2 14.11 -15.45 -10.06
C ALA F 2 14.09 -15.09 -11.56
N THR F 3 14.87 -14.07 -11.92
CA THR F 3 15.10 -13.63 -13.31
C THR F 3 15.34 -14.78 -14.29
N ARG F 4 16.12 -15.78 -13.86
CA ARG F 4 16.43 -16.94 -14.70
C ARG F 4 15.16 -17.64 -15.20
N GLU F 5 14.31 -18.11 -14.29
CA GLU F 5 13.11 -18.83 -14.71
C GLU F 5 12.24 -17.89 -15.56
N LEU F 6 12.38 -16.59 -15.32
CA LEU F 6 11.64 -15.57 -16.06
C LEU F 6 12.18 -15.35 -17.48
N ASP F 7 13.49 -15.18 -17.60
CA ASP F 7 14.13 -15.01 -18.90
C ASP F 7 13.99 -16.26 -19.75
N GLU F 8 13.91 -17.41 -19.08
CA GLU F 8 13.69 -18.68 -19.75
C GLU F 8 12.25 -18.74 -20.22
N LEU F 9 11.33 -18.39 -19.32
CA LEU F 9 9.94 -18.29 -19.68
C LEU F 9 9.80 -17.34 -20.85
N MET F 10 10.55 -16.25 -20.80
CA MET F 10 10.53 -15.22 -21.84
C MET F 10 10.87 -15.82 -23.18
N ALA F 11 11.96 -16.58 -23.23
CA ALA F 11 12.47 -17.14 -24.47
C ALA F 11 11.37 -17.78 -25.32
N SER F 12 10.53 -18.61 -24.70
CA SER F 12 9.50 -19.32 -25.44
C SER F 12 8.60 -18.38 -26.27
N LEU F 13 8.59 -17.10 -25.90
CA LEU F 13 7.79 -16.10 -26.61
C LEU F 13 8.53 -15.54 -27.82
N SER G 1 -3.29 -5.47 35.58
CA SER G 1 -2.41 -4.60 36.34
C SER G 1 -1.87 -3.46 35.49
N ALA G 2 -1.09 -3.83 34.47
CA ALA G 2 -0.41 -2.89 33.56
C ALA G 2 -1.31 -1.74 33.13
N THR G 3 -2.51 -2.09 32.67
CA THR G 3 -3.60 -1.15 32.33
C THR G 3 -3.65 0.10 33.21
N ARG G 4 -3.58 -0.08 34.53
CA ARG G 4 -3.72 1.02 35.48
C ARG G 4 -2.72 2.14 35.21
N GLU G 5 -1.43 1.78 35.17
CA GLU G 5 -0.38 2.75 34.93
C GLU G 5 -0.60 3.43 33.58
N LEU G 6 -1.18 2.68 32.65
CA LEU G 6 -1.46 3.18 31.31
C LEU G 6 -2.56 4.23 31.32
N ASP G 7 -3.69 3.89 31.92
CA ASP G 7 -4.81 4.83 31.94
C ASP G 7 -4.51 6.03 32.81
N GLU G 8 -3.60 5.85 33.77
CA GLU G 8 -3.11 6.97 34.56
C GLU G 8 -2.40 7.95 33.64
N LEU G 9 -1.43 7.44 32.88
CA LEU G 9 -0.72 8.21 31.87
C LEU G 9 -1.74 8.85 30.95
N MET G 10 -2.57 7.99 30.38
CA MET G 10 -3.63 8.38 29.47
C MET G 10 -4.43 9.56 30.00
N ALA G 11 -4.87 9.43 31.25
CA ALA G 11 -5.65 10.47 31.94
C ALA G 11 -5.11 11.87 31.62
N SER G 12 -3.80 12.04 31.72
CA SER G 12 -3.17 13.26 31.26
C SER G 12 -3.47 13.51 29.78
N SER H 1 20.16 10.41 -16.00
CA SER H 1 19.54 11.29 -16.98
C SER H 1 18.82 10.51 -18.08
N ALA H 2 19.59 9.87 -18.95
CA ALA H 2 19.07 9.16 -20.12
C ALA H 2 17.67 8.56 -19.90
N THR H 3 17.59 7.65 -18.94
CA THR H 3 16.34 7.03 -18.51
C THR H 3 15.15 7.99 -18.51
N ARG H 4 15.30 9.14 -17.82
CA ARG H 4 14.21 10.11 -17.71
C ARG H 4 13.66 10.52 -19.08
N GLU H 5 14.55 10.92 -19.99
CA GLU H 5 14.12 11.27 -21.35
C GLU H 5 13.42 10.07 -22.00
N LEU H 6 13.87 8.87 -21.67
CA LEU H 6 13.24 7.65 -22.19
C LEU H 6 11.86 7.47 -21.59
N ASP H 7 11.80 7.35 -20.26
CA ASP H 7 10.55 7.04 -19.57
C ASP H 7 9.48 8.10 -19.83
N GLU H 8 9.91 9.30 -20.21
CA GLU H 8 9.01 10.37 -20.62
C GLU H 8 8.38 10.02 -21.96
N LEU H 9 9.23 9.70 -22.92
CA LEU H 9 8.79 9.18 -24.23
C LEU H 9 7.86 8.01 -24.00
N MET H 10 8.35 7.07 -23.20
CA MET H 10 7.63 5.87 -22.85
C MET H 10 6.25 6.24 -22.32
N ALA H 11 6.21 7.16 -21.38
CA ALA H 11 4.97 7.59 -20.75
C ALA H 11 3.90 7.99 -21.77
N SER H 12 4.29 8.80 -22.76
CA SER H 12 3.35 9.31 -23.76
C SER H 12 2.71 8.22 -24.63
N LEU H 13 3.30 7.02 -24.62
CA LEU H 13 2.74 5.89 -25.36
C LEU H 13 1.38 5.49 -24.81
N SER H 14 1.15 5.80 -23.53
CA SER H 14 -0.08 5.44 -22.83
C SER H 14 -1.30 6.17 -23.39
N GLU I 5 -21.43 12.62 36.87
CA GLU I 5 -20.47 13.33 36.03
C GLU I 5 -20.80 13.13 34.56
N LEU I 6 -21.52 12.06 34.24
CA LEU I 6 -22.00 11.83 32.88
C LEU I 6 -23.08 12.84 32.52
N ASP I 7 -23.96 13.12 33.46
CA ASP I 7 -25.06 14.05 33.19
C ASP I 7 -24.49 15.44 32.89
N GLU I 8 -23.35 15.72 33.52
CA GLU I 8 -22.65 16.99 33.34
C GLU I 8 -22.13 17.09 31.91
N LEU I 9 -21.27 16.14 31.51
CA LEU I 9 -20.73 16.08 30.16
C LEU I 9 -21.86 16.00 29.15
N MET I 10 -22.93 15.33 29.56
CA MET I 10 -24.06 15.06 28.67
C MET I 10 -24.70 16.36 28.18
N ALA I 11 -24.86 17.32 29.09
CA ALA I 11 -25.43 18.62 28.75
C ALA I 11 -24.41 19.56 28.09
N SER I 12 -23.13 19.38 28.43
CA SER I 12 -22.07 20.17 27.82
C SER I 12 -22.15 20.05 26.31
N LEU I 13 -22.68 18.92 25.83
CA LEU I 13 -22.86 18.66 24.40
C LEU I 13 -23.61 19.82 23.74
N SER I 14 -24.71 20.24 24.35
CA SER I 14 -25.48 21.38 23.86
C SER I 14 -24.99 22.72 24.44
N GLU J 5 -2.85 6.56 -6.18
CA GLU J 5 -3.36 6.30 -7.53
C GLU J 5 -3.47 4.80 -7.75
N LEU J 6 -2.58 4.04 -7.10
CA LEU J 6 -2.56 2.58 -7.20
C LEU J 6 -3.85 1.97 -6.68
N ASP J 7 -4.48 2.63 -5.71
CA ASP J 7 -5.77 2.19 -5.21
C ASP J 7 -6.81 2.20 -6.34
N GLU J 8 -6.75 3.23 -7.17
CA GLU J 8 -7.68 3.39 -8.29
C GLU J 8 -7.51 2.31 -9.37
N LEU J 9 -6.25 2.07 -9.76
CA LEU J 9 -5.92 1.05 -10.76
C LEU J 9 -6.30 -0.35 -10.28
N MET J 10 -6.33 -0.54 -8.96
CA MET J 10 -6.66 -1.84 -8.38
C MET J 10 -8.15 -2.18 -8.51
N ALA J 11 -9.00 -1.28 -8.03
CA ALA J 11 -10.44 -1.46 -8.15
C ALA J 11 -10.82 -1.47 -9.63
N SER J 12 -10.11 -0.65 -10.40
CA SER J 12 -10.32 -0.57 -11.84
C SER J 12 -10.19 -1.94 -12.48
N LEU J 13 -9.40 -2.83 -11.87
CA LEU J 13 -9.25 -4.21 -12.33
C LEU J 13 -10.61 -4.92 -12.31
N SER J 14 -11.36 -4.70 -11.23
CA SER J 14 -12.71 -5.22 -11.11
C SER J 14 -13.76 -4.16 -11.45
#